data_8BO5
#
_entry.id   8BO5
#
_cell.length_a   58.761
_cell.length_b   59.742
_cell.length_c   66.929
_cell.angle_alpha   90.000
_cell.angle_beta   90.000
_cell.angle_gamma   90.000
#
_symmetry.space_group_name_H-M   'P 21 21 21'
#
loop_
_entity.id
_entity.type
_entity.pdbx_description
1 polymer 'Coagulation factor XIa light chain'
2 non-polymer 2-[4-(3-chlorophenyl)-2,5-bis(oxidanylidene)pyrrolo[3,4-b]pyridin-1-yl]-~{N}-[4-(1~{H}-1,2,3,4-tetrazol-5-yl)phenyl]ethanamide
3 non-polymer 'CITRIC ACID'
4 non-polymer GLYCEROL
5 water water
#
_entity_poly.entity_id   1
_entity_poly.type   'polypeptide(L)'
_entity_poly.pdbx_seq_one_letter_code
;IVGGTASVRGEWPWQVTLHTTSPTQRHLCGGSIIGNQWILTAAHCFYGVESPKILRVYSGILNQSEIKEDTSFFGVQEII
IHDQYKMAESGYDIALLKLETTVNYTDSQRPISLPSKGDRNVIYTDCWVTGWGYRKLRDKIQNTLQKAKIPLVTNEECQK
RYRGHKITHKMICAGYREGGKDACKGDSGGPLSCKHNEVWHLVGITSWGEGCAQRERPGVYTNVVEYVDWILEKTQAV
;
_entity_poly.pdbx_strand_id   AAA
#
# COMPACT_ATOMS: atom_id res chain seq x y z
N ILE A 1 7.76 -2.57 8.01
CA ILE A 1 6.92 -2.07 9.14
C ILE A 1 7.81 -1.99 10.39
N VAL A 2 7.89 -0.81 11.00
CA VAL A 2 8.59 -0.57 12.28
C VAL A 2 7.60 -0.77 13.43
N GLY A 3 8.00 -1.49 14.47
CA GLY A 3 7.24 -1.65 15.71
C GLY A 3 6.05 -2.56 15.53
N GLY A 4 6.03 -3.33 14.46
CA GLY A 4 4.93 -4.23 14.10
C GLY A 4 5.16 -5.62 14.65
N THR A 5 4.33 -6.56 14.25
CA THR A 5 4.43 -7.96 14.68
C THR A 5 4.07 -8.85 13.51
N ALA A 6 4.46 -10.12 13.56
CA ALA A 6 4.18 -11.09 12.48
C ALA A 6 2.67 -11.23 12.31
N SER A 7 2.21 -11.32 11.06
CA SER A 7 0.85 -11.77 10.69
C SER A 7 0.82 -13.29 10.65
N VAL A 8 -0.39 -13.83 10.61
CA VAL A 8 -0.64 -15.29 10.40
C VAL A 8 -1.23 -15.49 9.02
N ARG A 9 -1.11 -16.71 8.52
CA ARG A 9 -1.63 -17.08 7.19
C ARG A 9 -3.12 -16.72 7.09
N GLY A 10 -3.51 -16.04 6.03
CA GLY A 10 -4.93 -15.70 5.80
C GLY A 10 -5.34 -14.39 6.45
N GLU A 11 -4.46 -13.74 7.21
CA GLU A 11 -4.91 -12.57 8.03
C GLU A 11 -5.23 -11.35 7.17
N TRP A 12 -4.50 -11.11 6.08
CA TRP A 12 -4.65 -9.88 5.26
C TRP A 12 -4.79 -10.29 3.80
N PRO A 13 -5.89 -10.97 3.42
CA PRO A 13 -5.93 -11.67 2.14
C PRO A 13 -5.97 -10.78 0.88
N TRP A 14 -6.11 -9.47 1.04
CA TRP A 14 -6.02 -8.49 -0.07
C TRP A 14 -4.58 -8.04 -0.28
N GLN A 15 -3.67 -8.38 0.62
CA GLN A 15 -2.26 -7.98 0.51
C GLN A 15 -1.61 -8.82 -0.58
N VAL A 16 -0.91 -8.16 -1.51
CA VAL A 16 -0.02 -8.85 -2.46
C VAL A 16 1.42 -8.38 -2.27
N THR A 17 2.35 -9.18 -2.79
CA THR A 17 3.77 -8.79 -2.93
C THR A 17 4.03 -8.69 -4.44
N LEU A 18 4.43 -7.51 -4.89
CA LEU A 18 4.81 -7.25 -6.29
C LEU A 18 6.32 -7.45 -6.40
N HIS A 19 6.72 -8.39 -7.25
CA HIS A 19 8.14 -8.71 -7.51
C HIS A 19 8.56 -8.08 -8.83
N THR A 20 9.78 -7.57 -8.86
CA THR A 20 10.49 -7.37 -10.14
C THR A 20 11.34 -8.62 -10.40
N THR A 21 11.69 -8.87 -11.64
CA THR A 21 12.62 -9.96 -12.00
C THR A 21 13.80 -9.39 -12.77
N SER A 22 14.15 -8.12 -12.61
CA SER A 22 15.24 -7.49 -13.37
C SER A 22 16.07 -6.59 -12.46
N PRO A 23 17.39 -6.80 -12.31
CA PRO A 23 18.13 -7.91 -12.92
C PRO A 23 18.02 -9.24 -12.17
N THR A 24 17.36 -9.26 -11.03
CA THR A 24 17.12 -10.51 -10.28
C THR A 24 15.77 -10.38 -9.58
N GLN A 25 15.18 -11.49 -9.16
CA GLN A 25 13.82 -11.45 -8.60
C GLN A 25 13.87 -10.99 -7.15
N ARG A 26 13.06 -10.00 -6.82
CA ARG A 26 12.95 -9.49 -5.43
C ARG A 26 11.60 -8.79 -5.30
N HIS A 27 11.14 -8.74 -4.06
CA HIS A 27 10.02 -7.87 -3.63
C HIS A 27 10.30 -6.41 -3.96
N LEU A 28 9.37 -5.76 -4.65
CA LEU A 28 9.47 -4.32 -5.00
C LEU A 28 8.58 -3.51 -4.08
N CYS A 29 7.33 -3.96 -3.92
CA CYS A 29 6.27 -3.13 -3.32
C CYS A 29 5.15 -4.03 -2.83
N GLY A 30 4.33 -3.49 -1.94
CA GLY A 30 3.02 -4.06 -1.64
C GLY A 30 1.98 -3.61 -2.62
N GLY A 31 0.83 -4.23 -2.54
CA GLY A 31 -0.36 -3.81 -3.28
C GLY A 31 -1.57 -4.43 -2.65
N SER A 32 -2.74 -4.03 -3.11
CA SER A 32 -4.04 -4.51 -2.59
C SER A 32 -4.91 -5.02 -3.72
N ILE A 33 -5.50 -6.20 -3.55
CA ILE A 33 -6.57 -6.70 -4.46
C ILE A 33 -7.83 -5.84 -4.28
N ILE A 34 -8.28 -5.17 -5.34
CA ILE A 34 -9.55 -4.40 -5.33
C ILE A 34 -10.56 -4.94 -6.34
N GLY A 35 -10.16 -5.87 -7.18
CA GLY A 35 -11.09 -6.46 -8.17
C GLY A 35 -10.44 -7.72 -8.70
N ASN A 36 -11.19 -8.55 -9.41
CA ASN A 36 -10.65 -9.86 -9.84
C ASN A 36 -9.45 -9.66 -10.76
N GLN A 37 -9.34 -8.54 -11.47
CA GLN A 37 -8.15 -8.35 -12.33
C GLN A 37 -7.40 -7.07 -11.95
N TRP A 38 -7.54 -6.58 -10.73
CA TRP A 38 -7.05 -5.22 -10.39
C TRP A 38 -6.33 -5.18 -9.06
N ILE A 39 -5.10 -4.66 -9.08
CA ILE A 39 -4.29 -4.35 -7.88
C ILE A 39 -4.13 -2.84 -7.78
N LEU A 40 -4.37 -2.28 -6.61
CA LEU A 40 -4.09 -0.86 -6.36
C LEU A 40 -2.79 -0.78 -5.57
N THR A 41 -1.89 0.07 -6.04
CA THR A 41 -0.52 0.19 -5.49
C THR A 41 -0.06 1.64 -5.68
N ALA A 42 1.23 1.92 -5.40
CA ALA A 42 1.83 3.27 -5.47
C ALA A 42 2.56 3.43 -6.83
N ALA A 43 2.39 4.58 -7.47
CA ALA A 43 3.09 4.91 -8.74
C ALA A 43 4.60 4.86 -8.55
N HIS A 44 5.09 5.25 -7.39
CA HIS A 44 6.55 5.39 -7.20
C HIS A 44 7.21 4.02 -7.24
N CYS A 45 6.47 2.93 -7.07
CA CYS A 45 7.01 1.56 -7.21
C CYS A 45 7.61 1.33 -8.60
N PHE A 46 7.22 2.07 -9.62
CA PHE A 46 7.58 1.74 -11.02
C PHE A 46 8.73 2.59 -11.55
N TYR A 47 9.35 3.36 -10.67
CA TYR A 47 10.59 4.08 -11.01
C TYR A 47 11.62 3.06 -11.55
N GLY A 48 12.15 3.28 -12.73
CA GLY A 48 13.14 2.31 -13.25
C GLY A 48 12.60 0.92 -13.61
N VAL A 49 11.28 0.71 -13.60
CA VAL A 49 10.68 -0.53 -14.18
C VAL A 49 10.52 -0.32 -15.70
N GLU A 50 11.22 -1.13 -16.51
CA GLU A 50 11.30 -0.93 -17.98
C GLU A 50 9.94 -1.20 -18.61
N SER A 51 9.19 -2.16 -18.07
CA SER A 51 7.87 -2.53 -18.65
C SER A 51 7.18 -3.49 -17.70
N PRO A 52 5.88 -3.75 -17.89
CA PRO A 52 5.18 -4.76 -17.09
C PRO A 52 5.71 -6.18 -17.28
N LYS A 53 6.49 -6.44 -18.32
CA LYS A 53 6.98 -7.81 -18.65
C LYS A 53 7.81 -8.37 -17.49
N ILE A 54 8.44 -7.52 -16.70
CA ILE A 54 9.37 -8.01 -15.64
C ILE A 54 8.65 -8.18 -14.32
N LEU A 55 7.35 -7.82 -14.22
CA LEU A 55 6.64 -7.87 -12.95
C LEU A 55 5.96 -9.23 -12.75
N ARG A 56 5.83 -9.59 -11.48
CA ARG A 56 5.06 -10.76 -11.04
C ARG A 56 4.23 -10.32 -9.83
N VAL A 57 2.95 -10.65 -9.81
CA VAL A 57 2.10 -10.42 -8.62
C VAL A 57 1.87 -11.75 -7.91
N TYR A 58 2.29 -11.86 -6.66
CA TYR A 58 2.03 -13.04 -5.80
C TYR A 58 0.95 -12.69 -4.79
N SER A 59 -0.09 -13.51 -4.73
CA SER A 59 -1.16 -13.39 -3.70
C SER A 59 -1.05 -14.57 -2.75
N GLY A 60 -1.67 -14.46 -1.58
CA GLY A 60 -1.75 -15.56 -0.62
C GLY A 60 -0.42 -15.89 -0.01
N ILE A 61 0.52 -14.95 0.00
CA ILE A 61 1.88 -15.15 0.55
C ILE A 61 1.90 -14.65 1.99
N LEU A 62 2.37 -15.47 2.92
CA LEU A 62 2.72 -14.99 4.27
C LEU A 62 4.21 -14.71 4.31
N ASN A 63 5.03 -15.69 3.96
CA ASN A 63 6.50 -15.60 4.03
C ASN A 63 7.05 -15.47 2.62
N GLN A 64 7.94 -14.51 2.39
CA GLN A 64 8.61 -14.36 1.07
C GLN A 64 9.28 -15.69 0.67
N SER A 65 9.75 -16.47 1.65
CA SER A 65 10.53 -17.72 1.41
C SER A 65 9.62 -18.81 0.83
N GLU A 66 8.29 -18.65 0.85
CA GLU A 66 7.32 -19.55 0.14
C GLU A 66 7.50 -19.45 -1.39
N ILE A 67 8.03 -18.34 -1.92
CA ILE A 67 8.03 -18.13 -3.40
C ILE A 67 9.22 -18.91 -3.99
N LYS A 68 8.94 -19.92 -4.80
CA LYS A 68 9.96 -20.72 -5.52
C LYS A 68 9.68 -20.68 -7.02
N GLU A 69 10.47 -21.40 -7.84
CA GLU A 69 10.47 -21.25 -9.31
C GLU A 69 9.16 -21.79 -9.89
N ASP A 70 8.43 -22.60 -9.10
CA ASP A 70 7.12 -23.19 -9.49
C ASP A 70 5.95 -22.56 -8.74
N THR A 71 6.16 -21.50 -7.94
CA THR A 71 5.05 -20.79 -7.30
C THR A 71 4.29 -20.01 -8.37
N SER A 72 2.97 -20.18 -8.44
CA SER A 72 2.16 -19.46 -9.45
C SER A 72 2.06 -17.97 -9.05
N PHE A 73 1.96 -17.13 -10.06
CA PHE A 73 1.87 -15.66 -9.92
C PHE A 73 0.98 -15.19 -11.07
N PHE A 74 0.51 -13.96 -10.96
CA PHE A 74 -0.26 -13.28 -12.02
C PHE A 74 0.70 -12.40 -12.80
N GLY A 75 0.66 -12.49 -14.12
CA GLY A 75 1.33 -11.50 -14.95
C GLY A 75 0.60 -10.19 -14.88
N VAL A 76 1.27 -9.15 -15.29
CA VAL A 76 0.69 -7.79 -15.32
C VAL A 76 0.50 -7.39 -16.76
N GLN A 77 -0.75 -7.13 -17.16
CA GLN A 77 -1.14 -6.74 -18.52
C GLN A 77 -0.79 -5.25 -18.69
N GLU A 78 -1.02 -4.42 -17.67
CA GLU A 78 -0.94 -2.96 -17.85
C GLU A 78 -0.63 -2.32 -16.49
N ILE A 79 0.24 -1.31 -16.50
CA ILE A 79 0.45 -0.43 -15.32
C ILE A 79 -0.20 0.91 -15.67
N ILE A 80 -1.19 1.33 -14.89
CA ILE A 80 -1.91 2.61 -15.08
C ILE A 80 -1.47 3.54 -13.96
N ILE A 81 -0.59 4.48 -14.28
CA ILE A 81 -0.10 5.46 -13.30
C ILE A 81 -0.96 6.71 -13.48
N HIS A 82 -1.27 7.37 -12.38
CA HIS A 82 -2.04 8.63 -12.45
C HIS A 82 -1.29 9.62 -13.34
N ASP A 83 -1.98 10.30 -14.24
CA ASP A 83 -1.30 11.13 -15.27
CA ASP A 83 -1.36 11.18 -15.27
C ASP A 83 -0.64 12.36 -14.62
N GLN A 84 -0.96 12.70 -13.38
CA GLN A 84 -0.32 13.86 -12.71
C GLN A 84 0.83 13.45 -11.79
N TYR A 85 1.10 12.16 -11.65
CA TYR A 85 2.18 11.70 -10.74
C TYR A 85 3.54 12.23 -11.22
N LYS A 86 4.33 12.81 -10.31
CA LYS A 86 5.71 13.30 -10.56
C LYS A 86 6.67 12.66 -9.54
N MET A 87 6.35 12.74 -8.25
N MET A 87 6.39 12.78 -8.24
CA MET A 87 7.14 12.10 -7.18
CA MET A 87 7.19 12.17 -7.15
C MET A 87 6.22 11.86 -5.98
C MET A 87 6.27 11.91 -5.95
N ALA A 88 6.53 10.85 -5.17
CA ALA A 88 5.68 10.44 -4.04
C ALA A 88 5.30 11.67 -3.20
N GLU A 89 6.27 12.52 -2.85
N GLU A 89 6.28 12.52 -2.88
CA GLU A 89 6.02 13.58 -1.83
CA GLU A 89 6.12 13.60 -1.88
C GLU A 89 5.09 14.66 -2.41
C GLU A 89 5.22 14.72 -2.42
N SER A 90 4.95 14.76 -3.73
CA SER A 90 4.05 15.77 -4.35
C SER A 90 2.67 15.17 -4.69
N GLY A 91 2.38 13.93 -4.29
CA GLY A 91 1.03 13.35 -4.38
C GLY A 91 0.81 12.60 -5.68
N TYR A 92 -0.44 12.19 -5.91
CA TYR A 92 -0.87 11.36 -7.06
C TYR A 92 -0.09 10.04 -7.06
N ASP A 93 0.32 9.57 -5.88
CA ASP A 93 1.13 8.34 -5.80
C ASP A 93 0.18 7.14 -5.81
N ILE A 94 -0.33 6.83 -6.99
CA ILE A 94 -1.36 5.80 -7.13
C ILE A 94 -1.21 5.18 -8.51
N ALA A 95 -1.37 3.87 -8.56
CA ALA A 95 -1.25 3.09 -9.80
C ALA A 95 -2.20 1.91 -9.70
N LEU A 96 -2.74 1.53 -10.85
CA LEU A 96 -3.50 0.26 -10.98
C LEU A 96 -2.65 -0.71 -11.77
N LEU A 97 -2.65 -1.96 -11.34
CA LEU A 97 -2.13 -3.06 -12.17
C LEU A 97 -3.34 -3.82 -12.67
N LYS A 98 -3.50 -3.90 -13.99
N LYS A 98 -3.47 -3.92 -13.99
CA LYS A 98 -4.44 -4.85 -14.62
CA LYS A 98 -4.41 -4.84 -14.64
C LYS A 98 -3.71 -6.18 -14.78
C LYS A 98 -3.71 -6.18 -14.82
N LEU A 99 -4.24 -7.24 -14.20
CA LEU A 99 -3.61 -8.58 -14.26
C LEU A 99 -3.96 -9.24 -15.58
N GLU A 100 -3.18 -10.23 -15.97
CA GLU A 100 -3.38 -10.95 -17.24
C GLU A 100 -4.53 -11.94 -17.10
N THR A 101 -4.96 -12.28 -15.88
CA THR A 101 -6.14 -13.15 -15.74
C THR A 101 -6.87 -12.73 -14.47
N THR A 102 -8.02 -13.30 -14.20
CA THR A 102 -8.81 -12.97 -13.00
C THR A 102 -8.36 -13.83 -11.82
N VAL A 103 -8.33 -13.22 -10.66
CA VAL A 103 -8.15 -13.92 -9.37
C VAL A 103 -9.48 -14.66 -9.17
N ASN A 104 -9.43 -15.95 -8.91
CA ASN A 104 -10.54 -16.68 -8.24
C ASN A 104 -10.37 -16.40 -6.75
N TYR A 105 -11.33 -15.72 -6.13
CA TYR A 105 -11.21 -15.36 -4.70
C TYR A 105 -11.27 -16.63 -3.86
N THR A 106 -10.34 -16.74 -2.88
CA THR A 106 -10.26 -17.85 -1.89
C THR A 106 -9.96 -17.27 -0.52
N ASP A 107 -9.87 -18.13 0.50
CA ASP A 107 -9.48 -17.72 1.87
C ASP A 107 -8.15 -16.96 1.85
N SER A 108 -7.28 -17.23 0.89
N SER A 108 -7.28 -17.25 0.90
CA SER A 108 -5.90 -16.67 0.84
CA SER A 108 -5.90 -16.69 0.81
C SER A 108 -5.82 -15.41 -0.05
C SER A 108 -5.87 -15.38 0.02
N GLN A 109 -6.81 -15.16 -0.91
CA GLN A 109 -6.77 -14.02 -1.87
C GLN A 109 -8.19 -13.46 -2.03
N ARG A 110 -8.42 -12.32 -1.40
CA ARG A 110 -9.75 -11.67 -1.27
C ARG A 110 -9.62 -10.19 -1.58
N PRO A 111 -10.69 -9.55 -2.07
CA PRO A 111 -10.65 -8.12 -2.32
C PRO A 111 -10.92 -7.32 -1.03
N ILE A 112 -10.37 -6.11 -1.02
CA ILE A 112 -10.72 -5.07 0.00
C ILE A 112 -11.59 -4.03 -0.70
N SER A 113 -12.64 -3.60 -0.01
N SER A 113 -12.65 -3.61 -0.02
CA SER A 113 -13.58 -2.55 -0.46
CA SER A 113 -13.62 -2.57 -0.46
C SER A 113 -12.87 -1.21 -0.53
C SER A 113 -12.93 -1.20 -0.50
N LEU A 114 -13.24 -0.39 -1.51
CA LEU A 114 -12.83 1.03 -1.51
C LEU A 114 -13.65 1.71 -0.42
N PRO A 115 -13.23 2.89 0.06
CA PRO A 115 -14.09 3.67 0.93
C PRO A 115 -15.41 4.00 0.21
N SER A 116 -16.49 3.84 0.96
CA SER A 116 -17.87 3.66 0.45
C SER A 116 -18.49 5.04 0.30
N LYS A 117 -19.32 5.20 -0.73
CA LYS A 117 -20.13 6.42 -0.98
C LYS A 117 -20.96 6.66 0.30
N GLY A 118 -20.83 7.86 0.89
CA GLY A 118 -21.54 8.28 2.10
C GLY A 118 -20.70 8.20 3.36
N ASP A 119 -19.43 7.78 3.28
CA ASP A 119 -18.59 7.53 4.48
C ASP A 119 -17.46 8.57 4.54
N ARG A 120 -17.56 9.63 3.74
CA ARG A 120 -16.47 10.65 3.60
C ARG A 120 -16.13 11.26 4.96
N ASN A 121 -17.10 11.32 5.88
CA ASN A 121 -16.97 11.94 7.22
C ASN A 121 -16.96 10.87 8.32
N VAL A 122 -16.77 9.58 8.00
CA VAL A 122 -16.50 8.56 9.04
C VAL A 122 -15.12 8.85 9.66
N ILE A 123 -15.00 8.75 10.98
CA ILE A 123 -13.67 8.86 11.65
C ILE A 123 -13.18 7.43 11.91
N TYR A 124 -12.18 6.98 11.15
CA TYR A 124 -11.64 5.62 11.25
C TYR A 124 -10.73 5.52 12.46
N THR A 125 -11.03 4.62 13.39
CA THR A 125 -10.26 4.42 14.65
C THR A 125 -9.53 3.07 14.65
N ASP A 126 -9.65 2.24 13.60
CA ASP A 126 -9.12 0.87 13.59
C ASP A 126 -8.33 0.64 12.30
N CYS A 127 -7.15 1.24 12.20
CA CYS A 127 -6.36 1.31 10.95
C CYS A 127 -5.00 0.63 11.14
N TRP A 128 -4.66 -0.18 10.14
CA TRP A 128 -3.50 -1.10 10.17
C TRP A 128 -2.71 -0.93 8.90
N VAL A 129 -1.40 -0.90 9.04
CA VAL A 129 -0.46 -0.91 7.90
C VAL A 129 0.28 -2.25 7.93
N THR A 130 0.47 -2.82 6.74
CA THR A 130 0.99 -4.18 6.58
C THR A 130 2.06 -4.19 5.47
N GLY A 131 3.03 -5.08 5.60
CA GLY A 131 4.03 -5.22 4.53
C GLY A 131 5.27 -5.97 4.99
N TRP A 132 6.18 -6.16 4.03
CA TRP A 132 7.43 -6.91 4.20
C TRP A 132 8.59 -5.93 4.28
N GLY A 133 8.30 -4.66 4.52
CA GLY A 133 9.30 -3.58 4.50
C GLY A 133 10.26 -3.67 5.68
N TYR A 134 11.27 -2.82 5.68
CA TYR A 134 12.29 -2.71 6.77
C TYR A 134 11.63 -2.49 8.14
N ARG A 135 12.25 -3.01 9.21
CA ARG A 135 11.83 -2.76 10.61
C ARG A 135 12.61 -1.58 11.21
N LYS A 136 13.56 -1.01 10.47
CA LYS A 136 14.28 0.25 10.83
C LYS A 136 14.90 0.83 9.56
N LEU A 137 15.37 2.08 9.63
CA LEU A 137 15.71 2.90 8.44
C LEU A 137 16.72 2.17 7.56
N ARG A 138 17.74 1.51 8.17
CA ARG A 138 18.76 0.68 7.46
C ARG A 138 18.55 -0.78 7.89
N ASP A 139 17.87 -1.59 7.08
CA ASP A 139 17.42 -2.96 7.44
C ASP A 139 17.34 -3.80 6.17
N LYS A 140 16.44 -4.78 6.11
CA LYS A 140 16.26 -5.67 4.93
C LYS A 140 14.77 -5.96 4.78
N ILE A 141 14.38 -6.46 3.62
CA ILE A 141 13.02 -6.99 3.42
C ILE A 141 12.80 -8.12 4.44
N GLN A 142 11.62 -8.14 5.06
CA GLN A 142 11.27 -9.16 6.09
C GLN A 142 10.67 -10.40 5.42
N ASN A 143 10.91 -11.56 6.01
CA ASN A 143 10.33 -12.81 5.46
C ASN A 143 8.82 -12.78 5.70
N THR A 144 8.42 -12.54 6.95
CA THR A 144 7.02 -12.70 7.37
C THR A 144 6.30 -11.33 7.28
N LEU A 145 5.13 -11.33 6.65
CA LEU A 145 4.28 -10.12 6.52
C LEU A 145 4.09 -9.55 7.93
N GLN A 146 4.40 -8.26 8.12
CA GLN A 146 4.25 -7.60 9.42
C GLN A 146 2.97 -6.76 9.40
N LYS A 147 2.46 -6.45 10.59
CA LYS A 147 1.29 -5.55 10.78
C LYS A 147 1.58 -4.61 11.94
N ALA A 148 0.97 -3.43 11.90
CA ALA A 148 1.02 -2.45 13.00
C ALA A 148 -0.26 -1.63 12.98
N LYS A 149 -0.83 -1.38 14.15
CA LYS A 149 -2.02 -0.50 14.26
C LYS A 149 -1.47 0.92 14.40
N ILE A 150 -1.98 1.86 13.59
CA ILE A 150 -1.48 3.25 13.60
C ILE A 150 -2.67 4.19 13.56
N PRO A 151 -2.69 5.25 14.39
CA PRO A 151 -3.80 6.19 14.39
C PRO A 151 -3.66 7.21 13.27
N LEU A 152 -4.79 7.52 12.63
CA LEU A 152 -4.86 8.64 11.68
C LEU A 152 -4.61 9.96 12.42
N VAL A 153 -3.96 10.88 11.73
N VAL A 153 -3.99 10.89 11.71
CA VAL A 153 -3.73 12.26 12.21
CA VAL A 153 -3.64 12.26 12.17
C VAL A 153 -4.51 13.17 11.27
C VAL A 153 -4.34 13.24 11.22
N THR A 154 -4.83 14.39 11.71
CA THR A 154 -5.54 15.37 10.87
C THR A 154 -4.57 15.86 9.79
N ASN A 155 -5.06 16.30 8.64
CA ASN A 155 -4.18 16.92 7.61
C ASN A 155 -3.53 18.18 8.21
N GLU A 156 -4.21 18.88 9.10
CA GLU A 156 -3.66 20.11 9.74
C GLU A 156 -2.43 19.73 10.56
N GLU A 157 -2.53 18.69 11.40
CA GLU A 157 -1.37 18.24 12.22
C GLU A 157 -0.27 17.76 11.27
N CYS A 158 -0.64 17.04 10.23
CA CYS A 158 0.34 16.45 9.28
C CYS A 158 1.11 17.57 8.58
N GLN A 159 0.40 18.61 8.13
CA GLN A 159 1.03 19.75 7.43
C GLN A 159 2.02 20.45 8.37
N LYS A 160 1.69 20.54 9.66
CA LYS A 160 2.57 21.22 10.65
C LYS A 160 3.87 20.45 10.82
N ARG A 161 3.88 19.14 10.59
CA ARG A 161 5.10 18.29 10.72
C ARG A 161 5.92 18.27 9.42
N TYR A 162 5.32 18.70 8.32
CA TYR A 162 5.92 18.63 6.97
C TYR A 162 5.80 20.01 6.29
N ARG A 163 6.38 21.03 6.89
CA ARG A 163 6.20 22.44 6.41
C ARG A 163 6.90 22.64 5.06
N GLY A 164 7.76 21.70 4.64
CA GLY A 164 8.45 21.74 3.34
C GLY A 164 7.70 21.00 2.25
N HIS A 165 6.56 20.40 2.57
CA HIS A 165 5.74 19.64 1.59
C HIS A 165 4.33 20.23 1.54
N LYS A 166 3.62 19.98 0.44
CA LYS A 166 2.20 20.37 0.33
C LYS A 166 1.36 19.17 0.75
N ILE A 167 0.85 19.17 1.97
CA ILE A 167 -0.06 18.09 2.45
C ILE A 167 -1.45 18.48 1.97
N THR A 168 -2.03 17.73 1.03
CA THR A 168 -3.33 18.09 0.40
C THR A 168 -4.42 17.13 0.87
N HIS A 169 -5.67 17.46 0.54
CA HIS A 169 -6.84 16.60 0.82
C HIS A 169 -6.66 15.25 0.10
N LYS A 170 -5.73 15.14 -0.86
CA LYS A 170 -5.47 13.85 -1.56
C LYS A 170 -4.47 12.97 -0.79
N MET A 171 -4.01 13.43 0.37
CA MET A 171 -3.16 12.64 1.27
C MET A 171 -3.88 12.43 2.60
N ILE A 172 -3.52 11.35 3.28
CA ILE A 172 -3.92 11.08 4.68
C ILE A 172 -2.66 10.64 5.42
N CYS A 173 -2.52 11.08 6.65
CA CYS A 173 -1.32 10.81 7.45
C CYS A 173 -1.68 9.94 8.65
N ALA A 174 -0.72 9.20 9.17
CA ALA A 174 -0.96 8.29 10.31
C ALA A 174 0.35 8.02 11.02
N GLY A 175 0.28 8.07 12.34
CA GLY A 175 1.42 7.84 13.22
C GLY A 175 1.14 8.33 14.62
N TYR A 176 2.05 7.95 15.51
CA TYR A 176 2.06 8.28 16.95
C TYR A 176 2.94 9.51 17.14
N ARG A 177 2.54 10.40 18.05
CA ARG A 177 3.34 11.60 18.38
C ARG A 177 4.77 11.17 18.71
N GLU A 178 4.93 10.11 19.50
N GLU A 178 4.88 10.07 19.47
CA GLU A 178 6.27 9.66 19.95
CA GLU A 178 6.16 9.53 20.01
C GLU A 178 6.85 8.61 19.00
C GLU A 178 6.91 8.73 18.94
N GLY A 179 6.27 8.44 17.80
CA GLY A 179 6.83 7.54 16.78
C GLY A 179 6.80 6.08 17.24
N GLY A 180 7.63 5.22 16.64
CA GLY A 180 7.83 3.83 17.08
C GLY A 180 7.10 2.80 16.22
N LYS A 181 6.03 3.20 15.53
CA LYS A 181 5.24 2.32 14.64
C LYS A 181 4.97 3.08 13.34
N ASP A 182 5.27 2.46 12.20
CA ASP A 182 5.22 3.17 10.90
C ASP A 182 5.50 2.16 9.79
N ALA A 183 5.15 2.54 8.57
CA ALA A 183 5.70 1.91 7.35
C ALA A 183 7.18 2.26 7.25
N CYS A 184 7.90 1.51 6.44
CA CYS A 184 9.30 1.81 6.11
C CYS A 184 9.58 1.25 4.71
N LYS A 185 10.84 1.30 4.30
CA LYS A 185 11.28 0.96 2.92
C LYS A 185 10.80 -0.46 2.57
N GLY A 186 10.09 -0.59 1.45
CA GLY A 186 9.54 -1.87 0.93
C GLY A 186 8.10 -2.08 1.33
N ASP A 187 7.50 -1.20 2.15
CA ASP A 187 6.05 -1.24 2.44
C ASP A 187 5.24 -0.42 1.44
N SER A 188 5.88 0.46 0.67
N SER A 188 5.89 0.45 0.67
CA SER A 188 5.18 1.34 -0.30
CA SER A 188 5.25 1.30 -0.38
C SER A 188 4.25 0.50 -1.17
C SER A 188 4.25 0.48 -1.18
N GLY A 189 3.11 1.08 -1.49
CA GLY A 189 2.11 0.49 -2.39
C GLY A 189 1.15 -0.40 -1.65
N GLY A 190 1.54 -0.85 -0.46
CA GLY A 190 0.64 -1.67 0.36
C GLY A 190 -0.49 -0.85 0.97
N PRO A 191 -1.42 -1.55 1.62
CA PRO A 191 -2.60 -0.89 2.19
C PRO A 191 -2.41 -0.28 3.58
N LEU A 192 -3.16 0.81 3.79
CA LEU A 192 -3.61 1.29 5.11
C LEU A 192 -5.07 0.88 5.16
N SER A 193 -5.34 -0.20 5.89
CA SER A 193 -6.66 -0.88 5.94
C SER A 193 -7.38 -0.44 7.21
N CYS A 194 -8.60 0.08 7.10
CA CYS A 194 -9.38 0.51 8.28
C CYS A 194 -10.69 -0.26 8.35
N LYS A 195 -10.98 -0.80 9.51
CA LYS A 195 -12.18 -1.64 9.70
C LYS A 195 -13.28 -0.73 10.27
N HIS A 196 -14.45 -0.70 9.64
CA HIS A 196 -15.59 0.12 10.06
C HIS A 196 -16.85 -0.73 9.93
N ASN A 197 -17.62 -0.90 11.02
CA ASN A 197 -18.78 -1.81 11.04
C ASN A 197 -18.37 -3.21 10.57
N GLU A 198 -17.18 -3.67 11.01
CA GLU A 198 -16.62 -5.02 10.77
C GLU A 198 -16.41 -5.21 9.26
N VAL A 199 -16.33 -4.13 8.49
CA VAL A 199 -15.94 -4.21 7.05
C VAL A 199 -14.60 -3.47 6.87
N TRP A 200 -13.67 -4.10 6.17
CA TRP A 200 -12.37 -3.44 5.87
C TRP A 200 -12.54 -2.53 4.67
N HIS A 201 -11.92 -1.36 4.76
CA HIS A 201 -11.85 -0.40 3.63
C HIS A 201 -10.40 0.01 3.37
N LEU A 202 -10.07 0.14 2.09
CA LEU A 202 -8.71 0.53 1.69
C LEU A 202 -8.63 2.06 1.76
N VAL A 203 -8.25 2.58 2.93
CA VAL A 203 -8.29 4.03 3.21
C VAL A 203 -7.04 4.70 2.64
N GLY A 204 -5.89 4.02 2.73
CA GLY A 204 -4.61 4.60 2.29
C GLY A 204 -3.80 3.67 1.45
N ILE A 205 -2.86 4.25 0.71
CA ILE A 205 -1.76 3.50 0.05
C ILE A 205 -0.46 4.06 0.63
N THR A 206 0.37 3.17 1.14
CA THR A 206 1.66 3.55 1.76
C THR A 206 2.47 4.32 0.73
N SER A 207 2.92 5.53 1.05
CA SER A 207 3.54 6.42 0.06
C SER A 207 4.92 6.90 0.52
N TRP A 208 5.00 7.70 1.57
CA TRP A 208 6.32 8.29 1.96
C TRP A 208 6.28 8.76 3.40
N GLY A 209 7.46 9.01 3.97
CA GLY A 209 7.57 9.62 5.30
C GLY A 209 8.98 10.15 5.45
N GLU A 210 9.27 10.88 6.51
CA GLU A 210 10.65 11.37 6.78
C GLU A 210 11.33 10.34 7.69
N GLY A 211 12.28 9.56 7.18
CA GLY A 211 12.80 8.39 7.92
C GLY A 211 11.68 7.39 8.11
N CYS A 212 11.66 6.68 9.24
CA CYS A 212 10.62 5.68 9.58
C CYS A 212 10.37 5.73 11.09
N ALA A 213 9.11 5.97 11.47
CA ALA A 213 8.63 5.88 12.86
C ALA A 213 9.33 6.92 13.74
N GLN A 214 9.78 8.04 13.15
CA GLN A 214 10.36 9.16 13.93
C GLN A 214 9.24 9.82 14.73
N ARG A 215 9.59 10.41 15.88
CA ARG A 215 8.73 11.33 16.67
C ARG A 215 8.17 12.42 15.75
N GLU A 216 6.88 12.69 15.82
CA GLU A 216 6.22 13.85 15.15
C GLU A 216 6.49 13.85 13.64
N ARG A 217 6.67 12.69 13.01
CA ARG A 217 6.79 12.58 11.53
C ARG A 217 5.90 11.43 11.09
N PRO A 218 4.60 11.70 10.89
CA PRO A 218 3.68 10.63 10.55
C PRO A 218 4.00 10.10 9.15
N GLY A 219 3.62 8.85 8.92
CA GLY A 219 3.65 8.34 7.55
C GLY A 219 2.60 9.03 6.72
N VAL A 220 2.86 9.19 5.42
CA VAL A 220 1.94 9.86 4.48
C VAL A 220 1.46 8.80 3.48
N TYR A 221 0.16 8.77 3.27
CA TYR A 221 -0.54 7.75 2.47
C TYR A 221 -1.35 8.46 1.42
N THR A 222 -1.47 7.82 0.26
CA THR A 222 -2.48 8.28 -0.72
C THR A 222 -3.87 8.09 -0.12
N ASN A 223 -4.69 9.14 -0.14
CA ASN A 223 -6.06 9.19 0.41
C ASN A 223 -7.00 8.57 -0.64
N VAL A 224 -7.22 7.26 -0.56
CA VAL A 224 -7.90 6.48 -1.64
C VAL A 224 -9.29 7.06 -1.93
N VAL A 225 -10.00 7.53 -0.92
CA VAL A 225 -11.41 8.00 -1.17
C VAL A 225 -11.42 9.14 -2.20
N GLU A 226 -10.35 9.94 -2.28
CA GLU A 226 -10.22 11.08 -3.22
C GLU A 226 -9.88 10.60 -4.64
N TYR A 227 -9.60 9.30 -4.84
CA TYR A 227 -9.29 8.70 -6.16
C TYR A 227 -10.36 7.69 -6.59
N VAL A 228 -11.47 7.55 -5.88
CA VAL A 228 -12.50 6.53 -6.23
C VAL A 228 -13.00 6.79 -7.67
N ASP A 229 -13.30 8.03 -8.05
CA ASP A 229 -13.76 8.35 -9.42
C ASP A 229 -12.70 7.93 -10.45
N TRP A 230 -11.42 8.19 -10.20
CA TRP A 230 -10.30 7.81 -11.07
C TRP A 230 -10.21 6.28 -11.19
N ILE A 231 -10.33 5.58 -10.08
CA ILE A 231 -10.27 4.09 -10.06
C ILE A 231 -11.46 3.55 -10.87
N LEU A 232 -12.67 4.07 -10.61
CA LEU A 232 -13.86 3.49 -11.32
C LEU A 232 -13.72 3.76 -12.82
N GLU A 233 -13.21 4.93 -13.19
CA GLU A 233 -13.02 5.32 -14.61
C GLU A 233 -12.04 4.33 -15.25
N LYS A 234 -10.92 4.07 -14.58
CA LYS A 234 -9.85 3.26 -15.17
C LYS A 234 -10.30 1.80 -15.23
N THR A 235 -11.08 1.32 -14.25
CA THR A 235 -11.44 -0.10 -14.16
C THR A 235 -12.70 -0.41 -14.98
N GLN A 236 -13.41 0.60 -15.52
CA GLN A 236 -14.70 0.40 -16.28
C GLN A 236 -14.54 0.76 -17.77
#